data_6YDZ
#
_entry.id   6YDZ
#
_cell.length_a   110.962
_cell.length_b   110.962
_cell.length_c   35.409
_cell.angle_alpha   90.000
_cell.angle_beta   90.000
_cell.angle_gamma   90.000
#
_symmetry.space_group_name_H-M   'P 41 21 2'
#
loop_
_entity.id
_entity.type
_entity.pdbx_description
1 polymer 'Stimulator of interferon protein'
2 non-polymer "2-amino-9-[(2R,3R,3aS,5R,7aR,9R,10R,10aS,12R,14aR)-9-(6-amino-9H-purin-9-yl)-3,5,10,12-tetrahydroxy-5,12-dioxidooctahydro-2H,7H-difuro[3,2-d:3',2'-j][1,3,7,9,2,8]tetraoxadiphosphacyclododecin-2-yl]-1,9-dihydro-6H-purin-6-one"
3 water water
#
_entity_poly.entity_id   1
_entity_poly.type   'polypeptide(L)'
_entity_poly.pdbx_seq_one_letter_code
;APAEISAVCEKGNFNVAHGLAWSYYIGYLRLILPELQARIRTYNQHYNNLLRGAVSQRLYILLPLDCGVPDNLSMADPNI
RFLDKLPQQTGDRAGIKDRVYSNSIYELLENGQRAGTCVLEYATPLQTLFAMSQYSQAGFSREDRLEQAKLFCRTLEDIL
ADAPESQNNCRLIAYQEPADDSSFSLSQEVLRHLRQEEKEEVTV
;
_entity_poly.pdbx_strand_id   A
#
loop_
_chem_comp.id
_chem_comp.type
_chem_comp.name
_chem_comp.formula
4BW non-polymer 2-amino-9-[(2R,3R,3aS,5R,7aR,9R,10R,10aS,12R,14aR)-9-(6-amino-9H-purin-9-yl)-3,5,10,12-tetrahydroxy-5,12-dioxidooctahydro-2H,7H-difuro[3,2-d:3',2'-j][1,3,7,9,2,8]tetraoxadiphosphacyclododecin-2-yl]-1,9-dihydro-6H-purin-6-one 'C20 H24 N10 O13 P2'
#
# COMPACT_ATOMS: atom_id res chain seq x y z
N ASN A 15 3.68 6.43 19.76
CA ASN A 15 2.42 6.99 20.27
C ASN A 15 1.29 6.51 19.33
N VAL A 16 0.59 7.39 18.61
CA VAL A 16 -0.60 6.91 17.90
C VAL A 16 -0.28 5.97 16.74
N ALA A 17 0.87 6.17 16.09
CA ALA A 17 1.23 5.36 14.93
C ALA A 17 1.22 3.88 15.26
N HIS A 18 1.53 3.51 16.50
CA HIS A 18 1.55 2.11 16.89
C HIS A 18 0.21 1.44 16.59
N GLY A 19 -0.85 1.92 17.22
CA GLY A 19 -2.15 1.30 17.04
C GLY A 19 -2.63 1.33 15.60
N LEU A 20 -2.22 2.34 14.83
CA LEU A 20 -2.60 2.39 13.42
C LEU A 20 -1.93 1.28 12.63
N ALA A 21 -0.66 0.98 12.93
CA ALA A 21 0.02 -0.13 12.27
C ALA A 21 -0.65 -1.46 12.59
N TRP A 22 -0.96 -1.70 13.86
CA TRP A 22 -1.59 -2.95 14.25
C TRP A 22 -2.98 -3.07 13.65
N SER A 23 -3.74 -1.97 13.65
CA SER A 23 -5.04 -1.97 13.00
C SER A 23 -4.90 -2.25 11.51
N TYR A 24 -3.86 -1.71 10.89
CA TYR A 24 -3.60 -1.96 9.48
C TYR A 24 -3.35 -3.44 9.21
N TYR A 25 -2.70 -4.14 10.15
CA TYR A 25 -2.41 -5.56 9.97
C TYR A 25 -3.60 -6.42 10.34
N ILE A 26 -4.22 -6.16 11.49
CA ILE A 26 -5.25 -7.05 12.02
C ILE A 26 -6.51 -6.98 11.16
N GLY A 27 -6.83 -5.80 10.65
CA GLY A 27 -8.05 -5.61 9.90
C GLY A 27 -7.91 -5.64 8.39
N TYR A 28 -6.73 -5.93 7.86
CA TYR A 28 -6.52 -5.87 6.42
C TYR A 28 -5.48 -6.86 5.90
N LEU A 29 -4.21 -6.63 6.22
CA LEU A 29 -3.14 -7.47 5.67
C LEU A 29 -3.36 -8.92 6.10
N ARG A 30 -3.68 -9.12 7.38
CA ARG A 30 -3.92 -10.46 7.88
C ARG A 30 -5.03 -11.18 7.14
N LEU A 31 -5.93 -10.45 6.48
CA LEU A 31 -7.09 -11.04 5.81
C LEU A 31 -6.91 -11.17 4.31
N ILE A 32 -6.26 -10.21 3.65
CA ILE A 32 -6.14 -10.25 2.20
C ILE A 32 -4.88 -10.97 1.75
N LEU A 33 -3.78 -10.82 2.49
CA LEU A 33 -2.53 -11.46 2.08
C LEU A 33 -2.67 -12.97 1.91
N PRO A 34 -3.37 -13.70 2.78
CA PRO A 34 -3.52 -15.14 2.54
C PRO A 34 -4.17 -15.46 1.20
N GLU A 35 -5.17 -14.70 0.79
CA GLU A 35 -5.92 -14.97 -0.42
C GLU A 35 -5.47 -14.13 -1.61
N LEU A 36 -4.32 -13.45 -1.50
CA LEU A 36 -3.90 -12.57 -2.58
C LEU A 36 -3.34 -13.35 -3.76
N GLN A 37 -2.49 -14.34 -3.50
CA GLN A 37 -1.87 -15.07 -4.59
C GLN A 37 -2.89 -15.86 -5.40
N ALA A 38 -3.96 -16.34 -4.76
CA ALA A 38 -5.06 -16.94 -5.51
C ALA A 38 -5.73 -15.91 -6.41
N ARG A 39 -6.02 -14.72 -5.85
CA ARG A 39 -6.65 -13.68 -6.63
C ARG A 39 -5.78 -13.26 -7.81
N ILE A 40 -4.45 -13.28 -7.64
CA ILE A 40 -3.56 -12.89 -8.72
C ILE A 40 -3.49 -13.98 -9.78
N ARG A 41 -3.31 -15.23 -9.35
CA ARG A 41 -3.33 -16.35 -10.29
C ARG A 41 -4.62 -16.38 -11.09
N THR A 42 -5.74 -16.00 -10.46
CA THR A 42 -7.01 -15.97 -11.18
C THR A 42 -7.03 -14.85 -12.22
N TYR A 43 -6.49 -13.68 -11.87
CA TYR A 43 -6.51 -12.57 -12.82
C TYR A 43 -5.58 -12.84 -14.00
N ASN A 44 -4.48 -13.55 -13.81
CA ASN A 44 -3.65 -13.82 -14.97
C ASN A 44 -4.35 -14.74 -15.95
N GLN A 45 -5.21 -15.63 -15.45
CA GLN A 45 -5.81 -16.65 -16.30
C GLN A 45 -7.26 -16.34 -16.66
N HIS A 46 -8.16 -16.67 -15.73
CA HIS A 46 -9.65 -16.64 -15.83
C HIS A 46 -10.23 -15.44 -16.60
N TYR A 47 -10.10 -14.23 -16.03
CA TYR A 47 -10.60 -12.96 -16.60
C TYR A 47 -10.86 -13.14 -18.11
CA GLY A 53 2.53 -8.97 -19.33
C GLY A 53 1.65 -9.42 -18.18
N ALA A 54 2.21 -10.24 -17.30
CA ALA A 54 1.47 -10.75 -16.15
C ALA A 54 1.66 -9.85 -14.93
N VAL A 55 0.78 -10.04 -13.96
CA VAL A 55 0.79 -9.24 -12.73
C VAL A 55 1.62 -9.97 -11.69
N SER A 56 2.64 -9.33 -11.17
CA SER A 56 3.52 -10.03 -10.24
C SER A 56 2.83 -10.23 -8.91
N GLN A 57 3.26 -11.30 -8.23
CA GLN A 57 2.57 -11.93 -7.11
C GLN A 57 2.99 -11.28 -5.79
N ARG A 58 2.65 -10.00 -5.65
CA ARG A 58 2.97 -9.32 -4.40
C ARG A 58 2.24 -7.99 -4.35
N LEU A 59 1.80 -7.61 -3.16
CA LEU A 59 1.16 -6.33 -2.92
C LEU A 59 2.19 -5.33 -2.44
N TYR A 60 2.40 -4.26 -3.20
CA TYR A 60 3.38 -3.24 -2.86
C TYR A 60 2.67 -2.05 -2.21
N ILE A 61 3.11 -1.68 -1.01
CA ILE A 61 2.44 -0.68 -0.20
C ILE A 61 3.31 0.56 -0.13
N LEU A 62 2.78 1.67 -0.66
CA LEU A 62 3.51 2.93 -0.71
C LEU A 62 3.41 3.66 0.64
N LEU A 63 4.55 3.86 1.30
CA LEU A 63 4.60 4.53 2.59
C LEU A 63 5.38 5.83 2.46
N PRO A 64 4.76 6.88 1.93
CA PRO A 64 5.41 8.20 1.91
C PRO A 64 5.50 8.76 3.32
N LEU A 65 6.73 9.02 3.78
CA LEU A 65 6.91 9.64 5.09
C LEU A 65 6.31 11.04 5.13
N ASP A 66 6.17 11.69 3.97
CA ASP A 66 5.42 12.93 3.86
C ASP A 66 3.99 12.79 4.40
N CYS A 67 3.45 11.58 4.41
CA CYS A 67 2.04 11.30 4.70
C CYS A 67 1.12 11.91 3.65
N GLY A 68 1.65 12.37 2.52
CA GLY A 68 0.82 12.84 1.43
C GLY A 68 0.28 11.69 0.63
N VAL A 69 -0.98 11.35 0.83
CA VAL A 69 -1.58 10.19 0.17
C VAL A 69 -2.68 10.64 -0.79
N PRO A 70 -2.34 10.99 -2.04
CA PRO A 70 -3.39 11.26 -3.02
C PRO A 70 -4.34 10.08 -3.16
N ASP A 71 -5.55 10.37 -3.64
CA ASP A 71 -6.51 9.31 -3.90
C ASP A 71 -6.39 8.79 -5.32
N ASN A 72 -6.16 9.67 -6.30
CA ASN A 72 -5.85 9.30 -7.67
C ASN A 72 -4.34 9.13 -7.76
N LEU A 73 -3.88 7.89 -7.95
CA LEU A 73 -2.44 7.62 -7.95
C LEU A 73 -1.75 8.25 -9.14
N SER A 74 -2.35 8.13 -10.33
CA SER A 74 -1.70 8.62 -11.55
C SER A 74 -1.41 10.12 -11.47
N MET A 75 -2.14 10.86 -10.64
CA MET A 75 -1.85 12.27 -10.44
C MET A 75 -0.61 12.50 -9.59
N ALA A 76 -0.18 11.50 -8.82
CA ALA A 76 1.10 11.58 -8.12
C ALA A 76 2.26 11.38 -9.07
N ASP A 77 2.09 10.47 -10.03
CA ASP A 77 3.08 10.25 -11.09
C ASP A 77 2.36 9.74 -12.33
N PRO A 78 2.34 10.50 -13.42
CA PRO A 78 1.59 10.04 -14.60
C PRO A 78 2.11 8.73 -15.16
N ASN A 79 3.39 8.43 -14.95
CA ASN A 79 3.94 7.15 -15.41
C ASN A 79 3.29 5.97 -14.71
N ILE A 80 2.59 6.20 -13.60
CA ILE A 80 1.80 5.16 -12.93
C ILE A 80 0.39 5.26 -13.48
N ARG A 81 -0.07 4.19 -14.11
CA ARG A 81 -1.34 4.18 -14.84
C ARG A 81 -2.17 2.98 -14.40
N PHE A 82 -3.39 3.25 -13.96
CA PHE A 82 -4.29 2.19 -13.52
C PHE A 82 -4.82 1.34 -14.67
N LEU A 83 -4.75 0.02 -14.49
CA LEU A 83 -5.17 -0.92 -15.53
C LEU A 83 -6.49 -1.66 -15.28
N ASP A 84 -6.68 -2.21 -14.08
CA ASP A 84 -7.87 -3.00 -13.80
C ASP A 84 -7.89 -3.30 -12.29
N LYS A 85 -8.94 -3.99 -11.86
CA LYS A 85 -9.07 -4.42 -10.47
C LYS A 85 -8.95 -5.94 -10.39
N LEU A 86 -8.50 -6.42 -9.24
CA LEU A 86 -8.44 -7.85 -9.00
C LEU A 86 -9.85 -8.39 -8.74
N PRO A 87 -10.04 -9.70 -8.85
CA PRO A 87 -11.34 -10.28 -8.45
C PRO A 87 -11.58 -10.02 -6.97
N GLN A 88 -12.67 -9.31 -6.69
CA GLN A 88 -12.93 -8.86 -5.33
C GLN A 88 -12.94 -10.03 -4.37
N GLN A 89 -12.51 -9.77 -3.13
CA GLN A 89 -12.55 -10.73 -2.04
C GLN A 89 -13.54 -10.20 -1.00
N THR A 90 -14.43 -11.07 -0.53
CA THR A 90 -15.50 -10.67 0.36
C THR A 90 -15.50 -11.51 1.63
N GLY A 91 -16.21 -11.01 2.64
CA GLY A 91 -16.33 -11.69 3.89
C GLY A 91 -17.25 -10.94 4.85
N ASP A 92 -17.87 -11.66 5.79
CA ASP A 92 -18.70 -11.03 6.77
C ASP A 92 -17.77 -10.57 7.92
N ARG A 93 -17.82 -9.27 8.23
CA ARG A 93 -16.91 -8.68 9.22
C ARG A 93 -17.70 -7.74 10.12
N ALA A 94 -17.94 -8.18 11.36
CA ALA A 94 -18.55 -7.33 12.38
C ALA A 94 -19.97 -6.93 11.99
N GLY A 95 -20.78 -7.93 11.64
CA GLY A 95 -22.19 -7.68 11.38
C GLY A 95 -22.48 -6.95 10.09
N ILE A 96 -21.54 -6.93 9.16
CA ILE A 96 -21.77 -6.36 7.83
C ILE A 96 -21.61 -7.48 6.82
N LYS A 97 -22.72 -7.92 6.24
CA LYS A 97 -22.70 -9.04 5.31
C LYS A 97 -22.02 -8.63 4.01
N ASP A 98 -21.03 -9.40 3.60
CA ASP A 98 -20.31 -9.19 2.35
C ASP A 98 -19.65 -7.82 2.33
N ARG A 99 -18.78 -7.59 3.32
CA ARG A 99 -17.80 -6.50 3.25
C ARG A 99 -16.71 -6.94 2.29
N VAL A 100 -16.39 -6.09 1.32
CA VAL A 100 -15.55 -6.50 0.19
C VAL A 100 -14.26 -5.70 0.20
N TYR A 101 -13.15 -6.40 -0.04
CA TYR A 101 -11.83 -5.82 -0.16
C TYR A 101 -11.43 -5.83 -1.63
N SER A 102 -11.19 -4.64 -2.19
CA SER A 102 -10.79 -4.49 -3.57
C SER A 102 -9.35 -4.00 -3.64
N ASN A 103 -8.68 -4.32 -4.74
CA ASN A 103 -7.29 -3.94 -4.94
C ASN A 103 -7.05 -3.64 -6.41
N SER A 104 -6.32 -2.55 -6.66
CA SER A 104 -6.10 -2.06 -8.01
C SER A 104 -4.77 -2.55 -8.57
N ILE A 105 -4.76 -2.84 -9.87
CA ILE A 105 -3.56 -3.27 -10.59
C ILE A 105 -3.08 -2.13 -11.45
N TYR A 106 -1.79 -1.81 -11.37
CA TYR A 106 -1.23 -0.64 -12.02
C TYR A 106 -0.07 -1.03 -12.94
N GLU A 107 0.09 -0.27 -14.01
CA GLU A 107 1.22 -0.38 -14.92
C GLU A 107 2.17 0.77 -14.67
N LEU A 108 3.47 0.50 -14.79
CA LEU A 108 4.50 1.51 -14.52
C LEU A 108 5.32 1.73 -15.77
N LEU A 109 5.46 2.99 -16.17
CA LEU A 109 6.12 3.36 -17.41
C LEU A 109 7.52 3.90 -17.15
N GLU A 110 8.41 3.68 -18.11
CA GLU A 110 9.78 4.16 -18.03
C GLU A 110 10.21 4.52 -19.45
N ASN A 111 10.19 5.83 -19.76
CA ASN A 111 10.48 6.32 -21.11
C ASN A 111 9.45 5.81 -22.11
N GLY A 112 8.20 5.72 -21.69
CA GLY A 112 7.11 5.43 -22.60
C GLY A 112 6.84 3.97 -22.87
N GLN A 113 7.27 3.07 -22.00
CA GLN A 113 7.02 1.65 -22.18
C GLN A 113 6.70 1.00 -20.85
N ARG A 114 5.88 -0.05 -20.91
CA ARG A 114 5.50 -0.81 -19.72
C ARG A 114 6.73 -1.53 -19.18
N ALA A 115 7.21 -1.09 -18.01
CA ALA A 115 8.37 -1.71 -17.37
C ALA A 115 8.00 -2.65 -16.24
N GLY A 116 6.76 -2.57 -15.74
CA GLY A 116 6.32 -3.46 -14.68
C GLY A 116 4.82 -3.43 -14.54
N THR A 117 4.31 -4.39 -13.78
CA THR A 117 2.88 -4.47 -13.46
C THR A 117 2.75 -5.12 -12.09
N CYS A 118 1.97 -4.51 -11.22
CA CYS A 118 1.87 -4.98 -9.85
C CYS A 118 0.61 -4.43 -9.21
N VAL A 119 0.28 -5.00 -8.05
CA VAL A 119 -0.82 -4.54 -7.22
C VAL A 119 -0.22 -3.60 -6.19
N LEU A 120 -0.25 -2.30 -6.46
CA LEU A 120 0.32 -1.31 -5.54
C LEU A 120 -0.77 -0.35 -5.07
N GLU A 121 -0.62 0.10 -3.84
CA GLU A 121 -1.60 0.97 -3.20
C GLU A 121 -0.94 1.66 -2.01
N TYR A 122 -1.46 2.83 -1.67
CA TYR A 122 -0.96 3.57 -0.53
C TYR A 122 -1.39 2.90 0.78
N ALA A 123 -0.74 3.30 1.87
CA ALA A 123 -1.16 2.92 3.21
C ALA A 123 -2.06 4.04 3.74
N THR A 124 -3.36 3.75 3.84
CA THR A 124 -4.33 4.77 4.19
C THR A 124 -4.17 5.27 5.63
N PRO A 125 -3.60 4.48 6.54
CA PRO A 125 -3.31 5.05 7.87
C PRO A 125 -2.46 6.30 7.81
N LEU A 126 -1.54 6.41 6.84
CA LEU A 126 -0.76 7.63 6.69
C LEU A 126 -1.66 8.80 6.30
N GLN A 127 -2.65 8.55 5.44
CA GLN A 127 -3.64 9.56 5.14
C GLN A 127 -4.47 9.91 6.37
N THR A 128 -4.66 8.94 7.27
CA THR A 128 -5.36 9.20 8.53
C THR A 128 -4.47 9.93 9.53
N LEU A 129 -3.16 9.75 9.46
CA LEU A 129 -2.26 10.53 10.31
C LEU A 129 -2.26 12.00 9.89
N PHE A 130 -2.29 12.26 8.58
CA PHE A 130 -2.38 13.61 8.07
C PHE A 130 -3.63 14.31 8.61
N ALA A 131 -4.80 13.74 8.32
CA ALA A 131 -6.06 14.36 8.74
C ALA A 131 -6.06 14.66 10.23
N MET A 132 -5.67 13.68 11.05
CA MET A 132 -5.67 13.89 12.50
C MET A 132 -4.80 15.07 12.89
N SER A 133 -3.71 15.33 12.15
CA SER A 133 -2.81 16.41 12.51
C SER A 133 -3.43 17.78 12.33
N GLN A 134 -4.66 17.86 11.84
CA GLN A 134 -5.33 19.13 11.61
C GLN A 134 -6.61 19.29 12.43
N TYR A 135 -7.26 18.20 12.79
CA TYR A 135 -8.32 18.26 13.78
C TYR A 135 -7.72 18.66 15.12
N SER A 136 -8.27 19.70 15.74
CA SER A 136 -7.68 20.21 16.97
C SER A 136 -7.92 19.26 18.13
N GLN A 137 -9.14 18.72 18.25
CA GLN A 137 -9.47 17.86 19.37
C GLN A 137 -8.77 16.52 19.30
N ALA A 138 -8.06 16.22 18.22
CA ALA A 138 -7.30 14.98 18.13
C ALA A 138 -6.00 15.04 18.91
N GLY A 139 -5.63 16.21 19.43
CA GLY A 139 -4.42 16.32 20.22
C GLY A 139 -3.20 15.77 19.54
N PHE A 140 -3.12 15.93 18.22
CA PHE A 140 -2.00 15.41 17.43
C PHE A 140 -1.29 16.60 16.78
N SER A 141 -0.31 17.15 17.48
CA SER A 141 0.48 18.24 16.95
C SER A 141 1.01 17.87 15.57
N ARG A 142 0.95 18.81 14.63
CA ARG A 142 1.27 18.50 13.24
C ARG A 142 2.76 18.49 12.96
N GLU A 143 3.60 18.85 13.94
CA GLU A 143 5.03 18.63 13.81
C GLU A 143 5.42 17.18 14.05
N ASP A 144 4.57 16.42 14.75
CA ASP A 144 4.80 15.01 15.01
C ASP A 144 4.42 14.12 13.83
N ARG A 145 4.04 14.71 12.70
CA ARG A 145 3.61 13.91 11.56
C ARG A 145 4.72 12.99 11.08
N LEU A 146 5.90 13.56 10.80
CA LEU A 146 6.97 12.78 10.20
C LEU A 146 7.41 11.64 11.11
N GLU A 147 7.46 11.88 12.42
CA GLU A 147 7.88 10.81 13.32
C GLU A 147 6.81 9.74 13.44
N GLN A 148 5.55 10.13 13.63
CA GLN A 148 4.48 9.13 13.66
C GLN A 148 4.46 8.33 12.37
N ALA A 149 4.76 8.98 11.24
CA ALA A 149 4.91 8.25 9.98
C ALA A 149 6.07 7.26 10.06
N LYS A 150 7.18 7.67 10.69
CA LYS A 150 8.34 6.81 10.78
C LYS A 150 8.08 5.63 11.71
N LEU A 151 7.32 5.86 12.79
CA LEU A 151 7.01 4.77 13.70
C LEU A 151 5.99 3.82 13.10
N PHE A 152 5.10 4.33 12.24
CA PHE A 152 4.16 3.44 11.56
C PHE A 152 4.90 2.48 10.64
N CYS A 153 5.90 2.97 9.91
CA CYS A 153 6.71 2.09 9.08
C CYS A 153 7.51 1.11 9.95
N ARG A 154 8.23 1.63 10.95
CA ARG A 154 9.04 0.77 11.80
C ARG A 154 8.20 -0.28 12.50
N THR A 155 6.99 0.09 12.94
CA THR A 155 6.12 -0.86 13.62
C THR A 155 5.57 -1.90 12.65
N LEU A 156 4.98 -1.43 11.54
CA LEU A 156 4.48 -2.36 10.54
C LEU A 156 5.56 -3.32 10.07
N GLU A 157 6.79 -2.82 9.94
CA GLU A 157 7.90 -3.64 9.49
C GLU A 157 8.14 -4.82 10.43
N ASP A 158 8.07 -4.56 11.74
CA ASP A 158 8.31 -5.65 12.69
C ASP A 158 7.13 -6.61 12.75
N ILE A 159 5.92 -6.12 12.52
CA ILE A 159 4.77 -7.03 12.47
C ILE A 159 4.91 -8.01 11.31
N LEU A 160 5.37 -7.53 10.16
CA LEU A 160 5.52 -8.38 8.99
C LEU A 160 6.72 -9.31 9.07
N ALA A 161 7.75 -8.95 9.84
CA ALA A 161 8.87 -9.85 10.02
C ALA A 161 8.44 -11.18 10.61
N ASP A 162 7.41 -11.17 11.46
CA ASP A 162 6.92 -12.37 12.15
C ASP A 162 5.50 -12.73 11.73
N ALA A 163 5.07 -12.30 10.54
CA ALA A 163 3.69 -12.50 10.13
C ALA A 163 3.56 -13.80 9.35
N PRO A 164 2.82 -14.80 9.84
CA PRO A 164 2.56 -15.98 9.01
C PRO A 164 1.87 -15.64 7.70
N GLU A 165 0.99 -14.64 7.70
CA GLU A 165 0.28 -14.25 6.48
C GLU A 165 1.22 -13.66 5.44
N SER A 166 2.35 -13.10 5.87
CA SER A 166 3.34 -12.54 4.94
C SER A 166 4.46 -13.56 4.77
N GLN A 167 4.32 -14.40 3.75
CA GLN A 167 5.34 -15.39 3.39
C GLN A 167 5.67 -15.09 1.92
N ASN A 168 6.48 -14.06 1.69
CA ASN A 168 6.77 -13.59 0.34
C ASN A 168 5.53 -13.04 -0.36
N ASN A 169 4.80 -12.14 0.32
CA ASN A 169 3.52 -11.69 -0.22
C ASN A 169 3.28 -10.18 -0.21
N CYS A 170 4.16 -9.36 0.37
CA CYS A 170 4.00 -7.92 0.27
C CYS A 170 5.32 -7.24 0.59
N ARG A 171 5.53 -6.09 -0.03
CA ARG A 171 6.79 -5.35 0.08
C ARG A 171 6.50 -3.90 0.41
N LEU A 172 7.23 -3.36 1.37
CA LEU A 172 7.00 -2.00 1.86
C LEU A 172 7.90 -1.02 1.12
N ILE A 173 7.29 0.05 0.60
CA ILE A 173 8.02 1.05 -0.17
C ILE A 173 8.00 2.37 0.58
N ALA A 174 8.87 2.52 1.56
CA ALA A 174 9.01 3.77 2.27
C ALA A 174 9.95 4.70 1.51
N TYR A 175 9.65 6.00 1.57
CA TYR A 175 10.43 6.99 0.84
C TYR A 175 10.06 8.37 1.35
N GLN A 176 10.92 9.34 1.06
CA GLN A 176 10.75 10.71 1.51
C GLN A 176 11.21 11.64 0.41
N GLU A 177 10.27 12.36 -0.19
CA GLU A 177 10.57 13.31 -1.25
C GLU A 177 11.42 14.45 -0.69
N PRO A 178 12.65 14.67 -1.19
CA PRO A 178 13.45 15.79 -0.70
C PRO A 178 13.28 17.04 -1.55
N SER A 182 12.83 19.60 -4.74
CA SER A 182 13.45 19.26 -6.01
C SER A 182 12.53 18.33 -6.82
N SER A 183 13.13 17.46 -7.63
CA SER A 183 12.39 16.51 -8.46
C SER A 183 12.40 15.13 -7.82
N PHE A 184 11.39 14.34 -8.16
CA PHE A 184 11.25 12.99 -7.63
C PHE A 184 10.33 12.19 -8.54
N SER A 185 10.62 10.91 -8.70
CA SER A 185 9.82 10.01 -9.50
C SER A 185 9.42 8.81 -8.64
N LEU A 186 8.13 8.64 -8.40
CA LEU A 186 7.67 7.51 -7.62
C LEU A 186 7.60 6.24 -8.45
N SER A 187 7.40 6.36 -9.77
CA SER A 187 7.50 5.20 -10.64
C SER A 187 8.88 4.55 -10.52
N GLN A 188 9.93 5.33 -10.77
CA GLN A 188 11.29 4.85 -10.58
C GLN A 188 11.47 4.25 -9.19
N GLU A 189 10.90 4.90 -8.18
CA GLU A 189 10.99 4.39 -6.82
C GLU A 189 10.41 2.98 -6.73
N VAL A 190 9.25 2.76 -7.34
CA VAL A 190 8.62 1.44 -7.29
C VAL A 190 9.42 0.43 -8.09
N LEU A 191 9.66 0.72 -9.37
CA LEU A 191 10.36 -0.21 -10.24
C LEU A 191 11.64 -0.72 -9.57
N ARG A 192 12.37 0.16 -8.89
CA ARG A 192 13.60 -0.26 -8.22
C ARG A 192 13.34 -1.45 -7.29
N HIS A 193 12.35 -1.32 -6.41
CA HIS A 193 11.98 -2.45 -5.57
C HIS A 193 11.52 -3.63 -6.41
N LEU A 194 10.81 -3.37 -7.50
CA LEU A 194 10.33 -4.44 -8.36
C LEU A 194 11.49 -5.14 -9.06
N ARG A 195 12.50 -4.38 -9.50
CA ARG A 195 13.64 -4.99 -10.19
C ARG A 195 14.45 -5.86 -9.24
N GLN A 196 14.65 -5.39 -8.00
CA GLN A 196 15.50 -6.11 -7.06
C GLN A 196 14.95 -7.48 -6.67
N GLU A 197 13.71 -7.79 -7.00
CA GLU A 197 13.21 -9.12 -6.68
C GLU A 197 13.58 -10.13 -7.76
N GLU A 198 13.79 -9.68 -9.00
CA GLU A 198 14.28 -10.57 -10.04
C GLU A 198 15.80 -10.74 -9.95
OAC 4BW B . -11.40 -2.90 2.23
CBC 4BW B . -10.33 -2.32 2.54
NAT 4BW B . -9.56 -1.74 1.61
CBA 4BW B . -8.41 -1.11 1.92
NAA 4BW B . -7.59 -0.50 0.84
NAS 4BW B . -7.93 -1.02 3.18
CBG 4BW B . -8.61 -1.55 4.21
CBE 4BW B . -9.88 -2.25 3.95
NAR 4BW B . -10.32 -2.67 5.15
CAL 4BW B . -9.41 -2.28 6.09
NBQ 4BW B . -8.40 -1.62 5.52
CBO 4BW B . -7.22 -1.01 6.16
CBI 4BW B . -7.40 0.51 6.10
OAG 4BW B . -6.16 1.19 6.03
OAX 4BW B . -7.15 -1.35 7.56
CBK 4BW B . -7.43 -0.20 8.37
CAN 4BW B . -8.25 -0.58 9.58
OAV 4BW B . -9.40 -1.31 9.18
PBR 4BW B . -10.52 -1.66 10.28
O3' 4BW B . -11.15 -0.28 10.84
OAH 4BW B . -11.60 -2.49 9.62
OAD 4BW B . -9.88 -2.41 11.42
CBM 4BW B . -8.12 0.80 7.43
OAZ 4BW B . -8.01 2.15 7.79
PBS 4BW B . -9.27 3.08 7.41
OAI 4BW B . -8.96 4.50 7.84
OAE 4BW B . -9.52 3.01 5.92
O5' 4BW B . -10.58 2.57 8.19
C5' 4BW B . -10.62 2.67 9.60
C4' 4BW B . -11.85 1.99 10.15
O4' 4BW B . -13.06 2.49 9.56
C3' 4BW B . -11.88 0.47 9.92
C2' 4BW B . -13.38 0.18 10.01
O2' 4BW B . -13.77 0.05 11.37
C1' 4BW B . -14.02 1.43 9.39
N9 4BW B . -14.26 1.13 7.97
C8 4BW B . -13.56 1.60 6.93
N7 4BW B . -14.06 1.12 5.76
C5 4BW B . -15.10 0.33 6.05
C4 4BW B . -15.23 0.33 7.51
N3 4BW B . -16.22 -0.39 8.08
C2 4BW B . -17.07 -1.11 7.34
N1 4BW B . -17.01 -1.16 5.99
C6 4BW B . -16.07 -0.48 5.30
N6 4BW B . -16.03 -0.55 3.94
H1 4BW B . -9.86 -1.78 0.61
H2 4BW B . -8.22 -0.01 0.17
H3 4BW B . -6.93 0.19 1.26
H4 4BW B . -9.50 -2.48 7.15
H5 4BW B . -6.30 -1.30 5.65
H6 4BW B . -8.06 0.79 5.26
H7 4BW B . -5.60 0.94 6.78
H8 4BW B . -6.49 0.24 8.73
H9 4BW B . -8.57 0.32 10.12
H10 4BW B . -7.65 -1.19 10.26
H12 4BW B . -9.18 0.52 7.33
H14 4BW B . -9.73 2.22 10.03
H15 4BW B . -10.63 3.74 9.89
H16 4BW B . -11.87 2.17 11.23
H17 4BW B . -11.54 0.27 8.90
H18 4BW B . -13.63 -0.72 9.43
H19 4BW B . -14.74 0.14 11.44
H20 4BW B . -14.95 1.66 9.91
H21 4BW B . -12.71 2.27 7.00
H22 4BW B . -17.84 -1.68 7.85
H23 4BW B . -15.36 -0.06 3.47
HN23 4BW B . -7.06 -1.24 0.37
#